data_4L7M
#
_entry.id   4L7M
#
_cell.length_a   183.911
_cell.length_b   42.445
_cell.length_c   77.215
_cell.angle_alpha   90.00
_cell.angle_beta   107.07
_cell.angle_gamma   90.00
#
_symmetry.space_group_name_H-M   'C 1 2 1'
#
loop_
_entity.id
_entity.type
_entity.pdbx_description
1 polymer 'Putative uncharacterized protein'
2 non-polymer GLYCEROL
3 water water
#
_entity_poly.entity_id   1
_entity_poly.type   'polypeptide(L)'
_entity_poly.pdbx_seq_one_letter_code
;GA(MSE)G(MSE)SENNPISKTELRELVLSWQILDAVSLALEDKRALFLILELAGEDDETTRLRAFVALGEILKRADSDL
R(MSE)(MSE)VLERHLDVFINALSQENEKVTIKALRALGYLVKDVP(MSE)GSKTFLKAAKTLVSLLESPDD(MSE)
(MSE)RIETIDVLSKLQPLEDSKLVRTYINELVVSPDLYTKVAGFCLFLN(MSE)LNSSADSGHLTLILDEIPSLLQNDN
EFIVELALDVLEKALSFPLLENVKIELLKISRIVDGLVYREGAPIIRLKAKKVSDLIDSVIST
;
_entity_poly.pdbx_strand_id   A,B
#
# COMPACT_ATOMS: atom_id res chain seq x y z
N ASN A 8 -14.42 18.51 -25.39
CA ASN A 8 -13.33 18.01 -26.23
C ASN A 8 -13.79 17.01 -27.28
N ASN A 9 -12.95 16.85 -28.30
CA ASN A 9 -13.10 15.82 -29.32
C ASN A 9 -11.79 15.03 -29.36
N PRO A 10 -11.56 14.17 -28.35
CA PRO A 10 -10.27 13.48 -28.25
C PRO A 10 -10.14 12.34 -29.26
N ILE A 11 -8.91 11.83 -29.43
CA ILE A 11 -8.70 10.66 -30.28
C ILE A 11 -9.52 9.48 -29.76
N SER A 12 -10.12 8.71 -30.67
CA SER A 12 -10.93 7.55 -30.25
C SER A 12 -10.09 6.27 -30.13
N LYS A 13 -10.74 5.24 -29.59
CA LYS A 13 -10.15 3.91 -29.46
C LYS A 13 -9.75 3.33 -30.82
N THR A 14 -10.72 3.26 -31.73
CA THR A 14 -10.47 2.72 -33.07
C THR A 14 -9.32 3.50 -33.72
N GLU A 15 -9.33 4.82 -33.53
CA GLU A 15 -8.27 5.69 -34.05
C GLU A 15 -6.87 5.34 -33.53
N LEU A 16 -6.75 5.08 -32.23
CA LEU A 16 -5.46 4.69 -31.66
C LEU A 16 -4.99 3.35 -32.19
N ARG A 17 -5.90 2.39 -32.33
CA ARG A 17 -5.55 1.06 -32.82
C ARG A 17 -4.95 1.17 -34.22
N GLU A 18 -5.59 1.99 -35.06
CA GLU A 18 -5.09 2.15 -36.41
C GLU A 18 -3.72 2.81 -36.38
N LEU A 19 -3.56 3.77 -35.49
CA LEU A 19 -2.26 4.44 -35.33
C LEU A 19 -1.20 3.41 -34.91
N VAL A 20 -1.56 2.60 -33.91
CA VAL A 20 -0.67 1.59 -33.39
C VAL A 20 -0.35 0.55 -34.46
N LEU A 21 -1.38 0.01 -35.10
CA LEU A 21 -1.16 -0.96 -36.18
C LEU A 21 -0.36 -0.39 -37.34
N SER A 22 -0.59 0.87 -37.65
CA SER A 22 0.14 1.51 -38.75
C SER A 22 1.60 1.78 -38.37
N TRP A 23 1.98 1.45 -37.14
CA TRP A 23 3.31 1.80 -36.62
C TRP A 23 3.56 3.31 -36.61
N GLN A 24 2.51 4.11 -36.44
CA GLN A 24 2.69 5.54 -36.22
C GLN A 24 2.89 5.69 -34.73
N ILE A 25 3.90 4.99 -34.25
CA ILE A 25 4.11 4.79 -32.83
C ILE A 25 4.36 6.09 -32.10
N LEU A 26 5.19 6.95 -32.67
CA LEU A 26 5.54 8.18 -31.94
C LEU A 26 4.33 9.11 -31.80
N ASP A 27 3.42 9.06 -32.77
CA ASP A 27 2.19 9.85 -32.67
C ASP A 27 1.32 9.35 -31.50
N ALA A 28 1.10 8.05 -31.45
CA ALA A 28 0.31 7.47 -30.37
C ALA A 28 1.02 7.69 -29.03
N VAL A 29 2.34 7.60 -29.04
CA VAL A 29 3.13 7.85 -27.83
C VAL A 29 2.98 9.29 -27.33
N SER A 30 3.07 10.24 -28.25
CA SER A 30 2.90 11.65 -27.93
C SER A 30 1.52 11.87 -27.30
N LEU A 31 0.51 11.23 -27.90
CA LEU A 31 -0.87 11.42 -27.45
C LEU A 31 -1.12 10.80 -26.08
N ALA A 32 -0.53 9.64 -25.81
CA ALA A 32 -0.75 8.98 -24.52
C ALA A 32 0.01 9.71 -23.42
N LEU A 33 1.18 10.26 -23.75
CA LEU A 33 1.94 11.02 -22.77
C LEU A 33 1.22 12.32 -22.41
N GLU A 34 0.52 12.90 -23.38
CA GLU A 34 -0.21 14.14 -23.17
C GLU A 34 -1.52 13.93 -22.41
N ASP A 35 -2.12 12.75 -22.53
CA ASP A 35 -3.46 12.53 -21.98
C ASP A 35 -3.71 11.08 -21.56
N LYS A 36 -3.90 10.88 -20.26
CA LYS A 36 -4.07 9.57 -19.65
C LYS A 36 -5.14 8.70 -20.27
N ARG A 37 -6.18 9.34 -20.81
CA ARG A 37 -7.28 8.61 -21.44
C ARG A 37 -6.74 7.77 -22.58
N ALA A 38 -5.87 8.37 -23.37
CA ALA A 38 -5.31 7.70 -24.52
C ALA A 38 -4.37 6.58 -24.06
N LEU A 39 -3.62 6.82 -22.99
CA LEU A 39 -2.76 5.79 -22.43
C LEU A 39 -3.59 4.59 -21.99
N PHE A 40 -4.71 4.86 -21.33
CA PHE A 40 -5.61 3.80 -20.88
C PHE A 40 -6.16 3.02 -22.05
N LEU A 41 -6.46 3.70 -23.16
CA LEU A 41 -6.96 3.00 -24.33
C LEU A 41 -5.88 2.10 -24.95
N ILE A 42 -4.64 2.55 -24.91
CA ILE A 42 -3.55 1.71 -25.43
C ILE A 42 -3.39 0.48 -24.51
N LEU A 43 -3.56 0.67 -23.21
CA LEU A 43 -3.55 -0.48 -22.30
C LEU A 43 -4.63 -1.51 -22.69
N GLU A 44 -5.80 -1.04 -23.14
CA GLU A 44 -6.85 -1.94 -23.60
C GLU A 44 -6.45 -2.73 -24.86
N LEU A 45 -5.80 -2.04 -25.81
CA LEU A 45 -5.32 -2.69 -27.03
C LEU A 45 -4.36 -3.79 -26.65
N ALA A 46 -3.57 -3.53 -25.61
CA ALA A 46 -2.56 -4.49 -25.15
C ALA A 46 -3.19 -5.78 -24.60
N GLY A 47 -4.51 -5.78 -24.43
CA GLY A 47 -5.19 -6.94 -23.90
C GLY A 47 -6.13 -7.59 -24.91
N GLU A 48 -6.14 -7.09 -26.15
CA GLU A 48 -7.06 -7.62 -27.16
C GLU A 48 -6.61 -8.97 -27.70
N ASP A 49 -7.54 -9.74 -28.26
CA ASP A 49 -7.19 -11.10 -28.69
C ASP A 49 -6.26 -11.17 -29.91
N ASP A 50 -6.28 -10.16 -30.76
CA ASP A 50 -5.38 -10.17 -31.94
C ASP A 50 -3.90 -9.98 -31.57
N GLU A 51 -3.05 -10.87 -32.07
CA GLU A 51 -1.64 -10.89 -31.73
C GLU A 51 -0.89 -9.64 -32.21
N THR A 52 -1.16 -9.23 -33.44
CA THR A 52 -0.52 -8.06 -34.02
C THR A 52 -0.87 -6.80 -33.21
N THR A 53 -2.12 -6.69 -32.80
CA THR A 53 -2.54 -5.58 -31.95
C THR A 53 -1.79 -5.54 -30.62
N ARG A 54 -1.74 -6.68 -29.94
CA ARG A 54 -1.04 -6.81 -28.68
C ARG A 54 0.45 -6.46 -28.84
N LEU A 55 1.07 -6.99 -29.89
CA LEU A 55 2.50 -6.76 -30.11
C LEU A 55 2.79 -5.29 -30.27
N ARG A 56 2.07 -4.66 -31.19
CA ARG A 56 2.26 -3.26 -31.47
C ARG A 56 1.87 -2.39 -30.26
N ALA A 57 0.80 -2.73 -29.55
CA ALA A 57 0.44 -1.95 -28.37
C ALA A 57 1.55 -2.01 -27.30
N PHE A 58 2.16 -3.17 -27.14
CA PHE A 58 3.26 -3.26 -26.17
C PHE A 58 4.48 -2.47 -26.63
N VAL A 59 4.68 -2.40 -27.94
CA VAL A 59 5.75 -1.53 -28.47
C VAL A 59 5.48 -0.10 -28.07
N ALA A 60 4.26 0.36 -28.35
CA ALA A 60 3.88 1.71 -27.97
C ALA A 60 4.03 1.89 -26.46
N LEU A 61 3.58 0.91 -25.68
CA LEU A 61 3.68 1.06 -24.22
C LEU A 61 5.13 1.21 -23.76
N GLY A 62 6.04 0.48 -24.39
CA GLY A 62 7.45 0.58 -24.06
C GLY A 62 7.99 1.96 -24.40
N GLU A 63 7.59 2.50 -25.54
CA GLU A 63 8.07 3.83 -25.92
C GLU A 63 7.46 4.91 -25.01
N ILE A 64 6.24 4.68 -24.53
CA ILE A 64 5.60 5.61 -23.59
C ILE A 64 6.27 5.52 -22.21
N LEU A 65 6.39 4.31 -21.70
CA LEU A 65 6.90 4.14 -20.35
C LEU A 65 8.38 4.49 -20.23
N LYS A 66 9.16 4.31 -21.29
CA LYS A 66 10.57 4.69 -21.20
C LYS A 66 10.69 6.20 -21.10
N ARG A 67 9.63 6.90 -21.49
CA ARG A 67 9.63 8.36 -21.46
C ARG A 67 8.89 8.91 -20.25
N ALA A 68 8.08 8.06 -19.61
CA ALA A 68 7.21 8.48 -18.51
C ALA A 68 7.93 8.67 -17.18
N ASP A 69 7.49 9.68 -16.43
CA ASP A 69 8.08 9.95 -15.12
C ASP A 69 7.69 8.88 -14.10
N SER A 70 8.38 8.91 -12.97
CA SER A 70 8.15 7.96 -11.90
C SER A 70 6.70 7.94 -11.41
N ASP A 71 6.09 9.12 -11.25
CA ASP A 71 4.70 9.17 -10.76
C ASP A 71 3.70 8.46 -11.71
N LEU A 72 3.79 8.78 -12.99
CA LEU A 72 2.93 8.13 -13.98
C LEU A 72 3.12 6.61 -14.00
N ARG A 73 4.36 6.15 -13.85
CA ARG A 73 4.62 4.71 -13.88
C ARG A 73 4.04 3.99 -12.66
N VAL A 76 0.33 3.53 -13.38
CA VAL A 76 0.08 2.44 -14.32
C VAL A 76 0.32 1.13 -13.59
N LEU A 77 1.42 1.08 -12.83
CA LEU A 77 1.79 -0.15 -12.13
C LEU A 77 0.73 -0.59 -11.11
N GLU A 78 0.21 0.35 -10.32
CA GLU A 78 -0.79 -0.02 -9.33
C GLU A 78 -2.13 -0.45 -9.93
N ARG A 79 -2.51 0.13 -11.07
CA ARG A 79 -3.84 -0.14 -11.63
C ARG A 79 -3.86 -1.19 -12.72
N HIS A 80 -2.73 -1.37 -13.40
CA HIS A 80 -2.73 -2.15 -14.64
C HIS A 80 -1.58 -3.13 -14.77
N LEU A 81 -0.95 -3.52 -13.65
CA LEU A 81 0.13 -4.51 -13.70
C LEU A 81 -0.31 -5.77 -14.41
N ASP A 82 -1.55 -6.18 -14.16
CA ASP A 82 -2.11 -7.40 -14.74
C ASP A 82 -2.13 -7.42 -16.29
N VAL A 83 -2.20 -6.23 -16.91
CA VAL A 83 -2.18 -6.19 -18.37
C VAL A 83 -0.84 -6.76 -18.86
N PHE A 84 0.24 -6.39 -18.18
CA PHE A 84 1.57 -6.85 -18.55
C PHE A 84 1.75 -8.32 -18.16
N ILE A 85 1.42 -8.64 -16.91
CA ILE A 85 1.52 -10.01 -16.39
C ILE A 85 0.78 -11.05 -17.24
N ASN A 86 -0.45 -10.74 -17.64
CA ASN A 86 -1.26 -11.70 -18.40
C ASN A 86 -0.68 -11.99 -19.79
N ALA A 87 0.13 -11.08 -20.31
CA ALA A 87 0.69 -11.25 -21.65
C ALA A 87 2.05 -11.92 -21.60
N LEU A 88 2.48 -12.31 -20.40
CA LEU A 88 3.76 -13.00 -20.28
C LEU A 88 3.54 -14.50 -20.38
N SER A 89 3.80 -15.07 -21.56
CA SER A 89 3.69 -16.52 -21.73
C SER A 89 4.69 -17.09 -22.70
N GLN A 90 5.15 -18.31 -22.43
CA GLN A 90 6.10 -19.00 -23.31
C GLN A 90 5.49 -19.29 -24.69
N GLU A 91 4.17 -19.41 -24.76
CA GLU A 91 3.50 -19.80 -26.00
C GLU A 91 3.43 -18.69 -27.05
N ASN A 92 3.28 -17.44 -26.62
CA ASN A 92 3.26 -16.31 -27.55
C ASN A 92 4.52 -15.46 -27.37
N GLU A 93 5.64 -16.04 -27.77
CA GLU A 93 6.96 -15.48 -27.51
C GLU A 93 7.17 -14.04 -27.99
N LYS A 94 6.79 -13.76 -29.23
CA LYS A 94 7.04 -12.43 -29.78
C LYS A 94 6.35 -11.31 -28.98
N VAL A 95 5.08 -11.51 -28.64
CA VAL A 95 4.34 -10.61 -27.76
C VAL A 95 5.02 -10.53 -26.39
N THR A 96 5.46 -11.68 -25.89
CA THR A 96 6.04 -11.73 -24.55
C THR A 96 7.28 -10.83 -24.47
N ILE A 97 8.13 -10.88 -25.49
CA ILE A 97 9.34 -10.07 -25.53
C ILE A 97 9.00 -8.57 -25.46
N LYS A 98 8.06 -8.12 -26.27
CA LYS A 98 7.62 -6.73 -26.22
C LYS A 98 6.99 -6.37 -24.86
N ALA A 99 6.20 -7.28 -24.29
CA ALA A 99 5.59 -7.03 -22.96
C ALA A 99 6.67 -6.92 -21.90
N LEU A 100 7.68 -7.78 -22.01
CA LEU A 100 8.78 -7.77 -21.06
C LEU A 100 9.52 -6.44 -21.10
N ARG A 101 9.81 -5.97 -22.31
CA ARG A 101 10.50 -4.69 -22.47
C ARG A 101 9.70 -3.56 -21.85
N ALA A 102 8.40 -3.55 -22.11
CA ALA A 102 7.55 -2.51 -21.54
C ALA A 102 7.50 -2.65 -20.01
N LEU A 103 7.44 -3.89 -19.52
CA LEU A 103 7.40 -4.12 -18.08
C LEU A 103 8.67 -3.58 -17.41
N GLY A 104 9.82 -3.86 -18.03
CA GLY A 104 11.10 -3.36 -17.55
C GLY A 104 11.16 -1.86 -17.35
N TYR A 105 10.61 -1.08 -18.29
CA TYR A 105 10.56 0.37 -18.12
C TYR A 105 9.57 0.74 -17.01
N LEU A 106 8.47 0.02 -16.91
CA LEU A 106 7.43 0.35 -15.96
C LEU A 106 7.94 0.28 -14.52
N VAL A 107 8.63 -0.80 -14.18
CA VAL A 107 8.93 -1.07 -12.77
C VAL A 107 10.23 -0.47 -12.30
N LYS A 108 10.96 0.14 -13.22
CA LYS A 108 12.26 0.74 -12.95
C LYS A 108 12.20 1.70 -11.77
N ASP A 109 12.96 1.39 -10.71
CA ASP A 109 13.00 2.21 -9.50
C ASP A 109 11.64 2.41 -8.83
N VAL A 110 10.69 1.50 -9.04
CA VAL A 110 9.40 1.62 -8.36
C VAL A 110 9.27 0.51 -7.32
N PRO A 111 9.42 0.86 -6.04
CA PRO A 111 9.28 -0.14 -4.98
C PRO A 111 7.90 -0.78 -4.96
N GLY A 113 4.97 -3.37 -3.17
CA GLY A 113 4.46 -4.13 -2.05
C GLY A 113 4.69 -5.61 -2.25
N SER A 114 4.86 -6.34 -1.16
CA SER A 114 5.32 -7.72 -1.24
C SER A 114 4.37 -8.61 -2.03
N LYS A 115 3.07 -8.38 -1.91
CA LYS A 115 2.08 -9.13 -2.68
C LYS A 115 2.22 -9.03 -4.21
N THR A 116 2.27 -7.82 -4.76
CA THR A 116 2.43 -7.69 -6.21
C THR A 116 3.85 -8.08 -6.64
N PHE A 117 4.87 -7.72 -5.84
CA PHE A 117 6.26 -8.14 -6.07
C PHE A 117 6.37 -9.64 -6.31
N LEU A 118 5.82 -10.42 -5.38
CA LEU A 118 5.83 -11.89 -5.50
C LEU A 118 5.09 -12.41 -6.72
N LYS A 119 3.93 -11.81 -7.02
CA LYS A 119 3.14 -12.22 -8.19
C LYS A 119 3.89 -11.95 -9.50
N ALA A 120 4.46 -10.75 -9.63
CA ALA A 120 5.29 -10.45 -10.79
C ALA A 120 6.54 -11.36 -10.85
N ALA A 121 7.24 -11.50 -9.74
CA ALA A 121 8.49 -12.26 -9.77
C ALA A 121 8.23 -13.71 -10.17
N LYS A 122 7.14 -14.27 -9.66
CA LYS A 122 6.83 -15.69 -9.91
C LYS A 122 6.47 -15.91 -11.36
N THR A 123 5.71 -14.98 -11.93
CA THR A 123 5.40 -15.05 -13.35
C THR A 123 6.66 -14.95 -14.18
N LEU A 124 7.55 -14.03 -13.82
CA LEU A 124 8.81 -13.88 -14.54
C LEU A 124 9.67 -15.16 -14.44
N VAL A 125 9.82 -15.70 -13.23
CA VAL A 125 10.62 -16.92 -13.03
C VAL A 125 10.07 -18.08 -13.86
N SER A 126 8.74 -18.17 -13.98
CA SER A 126 8.11 -19.20 -14.82
C SER A 126 8.60 -19.22 -16.27
N LEU A 127 8.90 -18.04 -16.82
CA LEU A 127 9.33 -17.94 -18.20
C LEU A 127 10.71 -18.56 -18.42
N LEU A 128 11.46 -18.72 -17.35
CA LEU A 128 12.80 -19.26 -17.47
C LEU A 128 12.81 -20.75 -17.85
N GLU A 129 11.62 -21.37 -17.81
CA GLU A 129 11.43 -22.72 -18.36
C GLU A 129 11.75 -22.78 -19.85
N SER A 130 11.49 -21.68 -20.56
CA SER A 130 11.70 -21.63 -22.01
C SER A 130 13.17 -21.66 -22.36
N PRO A 131 13.54 -22.35 -23.45
CA PRO A 131 14.93 -22.45 -23.87
C PRO A 131 15.37 -21.22 -24.68
N ASP A 132 14.40 -20.44 -25.16
CA ASP A 132 14.65 -19.26 -25.99
C ASP A 132 15.61 -18.28 -25.32
N ASP A 133 16.74 -18.03 -25.98
CA ASP A 133 17.78 -17.16 -25.45
C ASP A 133 17.29 -15.73 -25.27
N ARG A 136 15.05 -15.49 -22.20
CA ARG A 136 15.81 -15.56 -20.97
C ARG A 136 16.46 -14.22 -20.66
N ILE A 137 17.11 -13.63 -21.66
CA ILE A 137 17.73 -12.32 -21.51
C ILE A 137 16.75 -11.24 -21.02
N GLU A 138 15.59 -11.13 -21.67
CA GLU A 138 14.62 -10.08 -21.33
C GLU A 138 13.96 -10.35 -19.99
N THR A 139 13.78 -11.63 -19.68
CA THR A 139 13.19 -12.00 -18.39
C THR A 139 14.13 -11.63 -17.25
N ILE A 140 15.38 -12.06 -17.34
CA ILE A 140 16.38 -11.68 -16.35
C ILE A 140 16.49 -10.16 -16.27
N ASP A 141 16.40 -9.48 -17.42
CA ASP A 141 16.49 -8.02 -17.38
C ASP A 141 15.37 -7.39 -16.54
N VAL A 142 14.15 -7.87 -16.69
CA VAL A 142 13.07 -7.32 -15.87
C VAL A 142 13.31 -7.69 -14.40
N LEU A 143 13.73 -8.93 -14.14
CA LEU A 143 13.99 -9.36 -12.76
C LEU A 143 15.05 -8.46 -12.12
N SER A 144 16.07 -8.09 -12.90
CA SER A 144 17.13 -7.23 -12.37
C SER A 144 16.62 -5.84 -11.97
N LYS A 145 15.41 -5.50 -12.41
CA LYS A 145 14.87 -4.18 -12.17
C LYS A 145 13.75 -4.21 -11.14
N LEU A 146 13.32 -5.41 -10.78
CA LEU A 146 12.15 -5.60 -9.92
C LEU A 146 12.49 -5.30 -8.45
N GLN A 147 11.86 -4.27 -7.89
CA GLN A 147 12.28 -3.74 -6.60
C GLN A 147 11.24 -3.97 -5.51
N PRO A 148 11.59 -4.73 -4.45
CA PRO A 148 10.60 -4.90 -3.37
C PRO A 148 10.63 -3.70 -2.41
N LEU A 149 9.46 -3.28 -1.93
CA LEU A 149 9.42 -2.18 -0.97
C LEU A 149 10.07 -2.60 0.35
N GLU A 150 9.87 -3.86 0.75
CA GLU A 150 10.34 -4.34 2.05
C GLU A 150 11.38 -5.44 1.95
N ASP A 151 12.29 -5.50 2.93
CA ASP A 151 13.10 -6.71 3.14
C ASP A 151 12.44 -7.59 4.21
N SER A 152 11.16 -7.85 4.05
CA SER A 152 10.39 -8.64 5.02
C SER A 152 10.79 -10.10 4.96
N LYS A 153 10.30 -10.90 5.92
CA LYS A 153 10.63 -12.32 5.94
C LYS A 153 9.99 -12.98 4.72
N LEU A 154 8.84 -12.47 4.31
CA LEU A 154 8.15 -12.99 3.13
C LEU A 154 9.05 -12.89 1.90
N VAL A 155 9.48 -11.65 1.60
CA VAL A 155 10.34 -11.38 0.45
C VAL A 155 11.64 -12.20 0.53
N ARG A 156 12.34 -12.14 1.66
CA ARG A 156 13.60 -12.87 1.82
C ARG A 156 13.40 -14.36 1.66
N THR A 157 12.26 -14.86 2.11
CA THR A 157 12.01 -16.31 2.06
C THR A 157 11.89 -16.75 0.62
N TYR A 158 11.20 -15.95 -0.17
CA TYR A 158 11.05 -16.23 -1.60
C TYR A 158 12.40 -16.17 -2.29
N ILE A 159 13.19 -15.16 -1.95
CA ILE A 159 14.48 -14.99 -2.61
C ILE A 159 15.40 -16.16 -2.23
N ASN A 160 15.41 -16.54 -0.95
CA ASN A 160 16.17 -17.73 -0.54
C ASN A 160 15.75 -18.97 -1.31
N GLU A 161 14.45 -19.14 -1.47
CA GLU A 161 13.92 -20.24 -2.25
C GLU A 161 14.53 -20.27 -3.66
N LEU A 162 14.58 -19.10 -4.32
CA LEU A 162 15.18 -19.05 -5.65
C LEU A 162 16.68 -19.39 -5.64
N VAL A 163 17.44 -18.80 -4.72
CA VAL A 163 18.88 -19.00 -4.73
C VAL A 163 19.34 -20.44 -4.38
N VAL A 164 18.49 -21.19 -3.71
CA VAL A 164 18.82 -22.59 -3.37
C VAL A 164 18.50 -23.53 -4.54
N SER A 165 17.71 -23.03 -5.50
CA SER A 165 17.36 -23.82 -6.67
C SER A 165 18.61 -24.37 -7.37
N PRO A 166 18.54 -25.61 -7.84
CA PRO A 166 19.66 -26.23 -8.56
C PRO A 166 19.65 -25.78 -10.03
N ASP A 167 18.59 -25.09 -10.43
CA ASP A 167 18.49 -24.56 -11.78
C ASP A 167 19.23 -23.23 -11.87
N LEU A 168 20.19 -23.13 -12.81
CA LEU A 168 21.09 -21.99 -12.88
C LEU A 168 20.40 -20.63 -12.95
N TYR A 169 19.52 -20.44 -13.94
CA TYR A 169 18.89 -19.13 -14.11
C TYR A 169 17.80 -18.78 -13.09
N THR A 170 17.28 -19.80 -12.41
CA THR A 170 16.43 -19.55 -11.25
C THR A 170 17.27 -18.94 -10.12
N LYS A 171 18.46 -19.49 -9.92
CA LYS A 171 19.40 -18.95 -8.94
C LYS A 171 19.86 -17.54 -9.33
N VAL A 172 20.13 -17.32 -10.61
CA VAL A 172 20.48 -15.99 -11.08
C VAL A 172 19.35 -15.00 -10.76
N ALA A 173 18.10 -15.41 -11.04
CA ALA A 173 16.94 -14.59 -10.69
C ALA A 173 16.98 -14.24 -9.21
N GLY A 174 17.30 -15.23 -8.40
CA GLY A 174 17.37 -15.05 -6.97
C GLY A 174 18.36 -13.98 -6.62
N PHE A 175 19.54 -14.09 -7.21
CA PHE A 175 20.59 -13.12 -6.95
C PHE A 175 20.24 -11.71 -7.44
N CYS A 176 19.59 -11.61 -8.60
CA CYS A 176 19.09 -10.32 -9.08
C CYS A 176 18.15 -9.67 -8.07
N LEU A 177 17.17 -10.43 -7.59
CA LEU A 177 16.21 -9.91 -6.64
C LEU A 177 16.86 -9.57 -5.29
N PHE A 178 17.87 -10.35 -4.91
CA PHE A 178 18.55 -10.15 -3.64
C PHE A 178 19.26 -8.81 -3.66
N LEU A 179 19.93 -8.54 -4.78
CA LEU A 179 20.59 -7.25 -4.99
C LEU A 179 19.61 -6.09 -4.81
N ASN A 180 18.42 -6.20 -5.38
CA ASN A 180 17.46 -5.11 -5.28
C ASN A 180 16.91 -5.01 -3.86
N LEU A 182 18.42 -5.46 -1.17
CA LEU A 182 19.33 -4.77 -0.27
C LEU A 182 19.10 -3.25 -0.28
N ASN A 183 18.41 -2.74 -1.30
CA ASN A 183 18.03 -1.32 -1.32
C ASN A 183 16.97 -1.00 -0.27
N SER A 184 16.22 -2.02 0.15
CA SER A 184 15.15 -1.87 1.14
C SER A 184 15.54 -2.35 2.54
N SER A 185 16.82 -2.69 2.71
CA SER A 185 17.31 -3.19 4.00
C SER A 185 17.98 -2.08 4.81
N ALA A 186 17.53 -1.87 6.04
CA ALA A 186 18.02 -0.79 6.89
C ALA A 186 19.43 -1.06 7.43
N ASP A 187 19.70 -2.28 7.85
CA ASP A 187 20.92 -2.53 8.61
C ASP A 187 21.66 -3.83 8.30
N SER A 188 21.03 -4.72 7.52
CA SER A 188 21.64 -6.03 7.27
C SER A 188 21.89 -6.35 5.78
N GLY A 189 23.05 -6.95 5.51
CA GLY A 189 23.37 -7.44 4.17
C GLY A 189 22.91 -8.87 3.95
N HIS A 190 22.27 -9.45 4.97
CA HIS A 190 21.72 -10.83 4.89
C HIS A 190 22.64 -11.79 4.15
N LEU A 191 23.92 -11.78 4.51
CA LEU A 191 24.92 -12.60 3.82
C LEU A 191 24.62 -14.09 3.92
N THR A 192 23.98 -14.51 5.01
CA THR A 192 23.68 -15.93 5.17
C THR A 192 22.72 -16.42 4.08
N LEU A 193 21.89 -15.51 3.57
CA LEU A 193 20.94 -15.83 2.52
C LEU A 193 21.62 -16.40 1.25
N ILE A 194 22.84 -15.95 0.95
CA ILE A 194 23.46 -16.31 -0.33
C ILE A 194 24.87 -16.84 -0.27
N LEU A 195 25.47 -16.88 0.92
CA LEU A 195 26.91 -17.13 1.02
C LEU A 195 27.34 -18.46 0.40
N ASP A 196 26.55 -19.51 0.62
CA ASP A 196 26.96 -20.85 0.20
C ASP A 196 26.75 -21.04 -1.30
N GLU A 197 25.84 -20.26 -1.88
CA GLU A 197 25.54 -20.35 -3.30
C GLU A 197 26.40 -19.45 -4.18
N ILE A 198 26.92 -18.36 -3.62
CA ILE A 198 27.71 -17.44 -4.43
C ILE A 198 29.05 -17.95 -5.02
N PRO A 199 29.75 -18.91 -4.36
CA PRO A 199 30.97 -19.39 -5.06
C PRO A 199 30.64 -19.96 -6.44
N SER A 200 29.52 -20.68 -6.56
CA SER A 200 29.08 -21.22 -7.84
C SER A 200 28.94 -20.17 -8.94
N LEU A 201 28.47 -18.97 -8.58
CA LEU A 201 28.30 -17.90 -9.56
C LEU A 201 29.62 -17.23 -9.87
N LEU A 202 30.46 -17.09 -8.85
CA LEU A 202 31.79 -16.54 -9.06
C LEU A 202 32.58 -17.44 -9.99
N GLN A 203 32.44 -18.75 -9.80
CA GLN A 203 33.19 -19.74 -10.60
C GLN A 203 32.45 -20.18 -11.88
N ASN A 204 31.50 -19.37 -12.33
CA ASN A 204 30.75 -19.64 -13.57
C ASN A 204 31.55 -19.15 -14.78
N ASP A 205 31.27 -19.75 -15.94
CA ASP A 205 31.96 -19.36 -17.17
C ASP A 205 31.36 -18.10 -17.76
N ASN A 206 30.06 -17.91 -17.51
CA ASN A 206 29.35 -16.77 -18.06
C ASN A 206 29.69 -15.48 -17.32
N GLU A 207 30.09 -14.48 -18.07
CA GLU A 207 30.52 -13.21 -17.49
C GLU A 207 29.41 -12.38 -16.84
N PHE A 208 28.16 -12.49 -17.34
CA PHE A 208 27.04 -11.78 -16.70
C PHE A 208 26.83 -12.29 -15.26
N ILE A 209 27.06 -13.59 -15.07
CA ILE A 209 26.77 -14.24 -13.80
C ILE A 209 27.85 -13.91 -12.78
N VAL A 210 29.10 -13.92 -13.22
CA VAL A 210 30.23 -13.52 -12.39
C VAL A 210 30.07 -12.07 -11.92
N GLU A 211 29.80 -11.17 -12.85
CA GLU A 211 29.63 -9.77 -12.48
C GLU A 211 28.47 -9.58 -11.49
N LEU A 212 27.36 -10.30 -11.71
CA LEU A 212 26.22 -10.27 -10.80
C LEU A 212 26.65 -10.66 -9.38
N ALA A 213 27.42 -11.73 -9.28
CA ALA A 213 27.89 -12.19 -7.98
C ALA A 213 28.77 -11.14 -7.32
N LEU A 214 29.69 -10.55 -8.10
CA LEU A 214 30.55 -9.48 -7.59
C LEU A 214 29.71 -8.28 -7.13
N ASP A 215 28.71 -7.89 -7.91
CA ASP A 215 27.81 -6.80 -7.53
C ASP A 215 27.09 -7.08 -6.21
N VAL A 216 26.71 -8.33 -6.01
CA VAL A 216 25.99 -8.72 -4.80
C VAL A 216 26.90 -8.65 -3.58
N LEU A 217 28.13 -9.17 -3.71
CA LEU A 217 29.13 -9.04 -2.65
C LEU A 217 29.44 -7.59 -2.28
N GLU A 218 29.63 -6.72 -3.26
CA GLU A 218 29.92 -5.32 -3.01
C GLU A 218 28.83 -4.64 -2.19
N LYS A 219 27.59 -4.83 -2.59
CA LYS A 219 26.46 -4.26 -1.84
C LYS A 219 26.31 -4.90 -0.45
N ALA A 220 26.37 -6.22 -0.39
CA ALA A 220 26.09 -6.93 0.86
C ALA A 220 27.14 -6.61 1.91
N LEU A 221 28.40 -6.50 1.49
CA LEU A 221 29.49 -6.18 2.41
C LEU A 221 29.52 -4.72 2.85
N SER A 222 28.60 -3.90 2.35
CA SER A 222 28.53 -2.51 2.80
C SER A 222 27.80 -2.39 4.17
N PHE A 223 27.12 -3.46 4.56
CA PHE A 223 26.39 -3.51 5.82
C PHE A 223 27.23 -4.16 6.93
N PRO A 224 27.01 -3.75 8.18
CA PRO A 224 27.79 -4.38 9.26
C PRO A 224 27.59 -5.91 9.27
N LEU A 225 28.65 -6.67 9.54
CA LEU A 225 28.55 -8.12 9.53
C LEU A 225 28.39 -8.68 10.94
N LEU A 226 27.18 -9.13 11.27
CA LEU A 226 26.88 -9.57 12.65
C LEU A 226 27.12 -11.06 12.82
N GLU A 227 27.13 -11.78 11.71
CA GLU A 227 27.34 -13.22 11.72
C GLU A 227 28.81 -13.56 11.55
N ASN A 228 29.26 -14.66 12.17
CA ASN A 228 30.63 -15.12 11.97
C ASN A 228 30.71 -16.03 10.75
N VAL A 229 31.05 -15.43 9.62
CA VAL A 229 31.12 -16.16 8.36
C VAL A 229 32.54 -16.02 7.83
N LYS A 230 33.48 -15.99 8.75
CA LYS A 230 34.89 -15.82 8.45
C LYS A 230 35.43 -16.94 7.55
N ILE A 231 35.09 -18.17 7.88
CA ILE A 231 35.49 -19.32 7.07
C ILE A 231 34.94 -19.20 5.66
N GLU A 232 33.66 -18.85 5.56
CA GLU A 232 33.01 -18.68 4.27
C GLU A 232 33.62 -17.53 3.44
N LEU A 233 33.94 -16.40 4.08
CA LEU A 233 34.43 -15.25 3.32
C LEU A 233 35.86 -15.49 2.86
N LEU A 234 36.60 -16.24 3.66
CA LEU A 234 37.96 -16.64 3.30
C LEU A 234 37.91 -17.42 1.99
N LYS A 235 37.09 -18.48 1.96
CA LYS A 235 36.96 -19.29 0.75
C LYS A 235 36.51 -18.44 -0.42
N ILE A 236 35.52 -17.57 -0.20
CA ILE A 236 35.14 -16.59 -1.21
C ILE A 236 36.28 -15.63 -1.58
N SER A 237 37.06 -15.20 -0.61
CA SER A 237 38.18 -14.30 -0.89
C SER A 237 39.22 -14.92 -1.83
N ARG A 238 39.52 -16.19 -1.62
CA ARG A 238 40.43 -16.90 -2.53
C ARG A 238 39.92 -16.88 -3.97
N ILE A 239 38.63 -17.11 -4.15
CA ILE A 239 38.03 -17.11 -5.49
C ILE A 239 38.12 -15.72 -6.11
N VAL A 240 37.76 -14.70 -5.33
CA VAL A 240 37.80 -13.31 -5.77
C VAL A 240 39.23 -12.86 -6.09
N ASP A 241 40.19 -13.33 -5.30
CA ASP A 241 41.60 -13.05 -5.58
C ASP A 241 41.97 -13.56 -6.95
N GLY A 242 41.52 -14.78 -7.27
CA GLY A 242 41.72 -15.36 -8.58
C GLY A 242 41.09 -14.49 -9.64
N LEU A 243 39.85 -14.07 -9.40
CA LEU A 243 39.11 -13.28 -10.39
C LEU A 243 39.76 -11.94 -10.74
N VAL A 244 40.67 -11.48 -9.88
CA VAL A 244 41.41 -10.25 -10.15
C VAL A 244 42.27 -10.43 -11.39
N TYR A 245 42.61 -11.68 -11.68
CA TYR A 245 43.47 -12.02 -12.82
C TYR A 245 42.74 -12.86 -13.86
N ARG A 246 41.41 -12.75 -13.88
CA ARG A 246 40.61 -13.52 -14.82
C ARG A 246 40.61 -12.91 -16.22
N GLU A 247 41.13 -13.67 -17.19
CA GLU A 247 41.08 -13.30 -18.60
C GLU A 247 39.65 -13.06 -19.06
N GLY A 248 39.42 -11.93 -19.73
CA GLY A 248 38.10 -11.58 -20.24
C GLY A 248 37.82 -10.12 -19.98
N ALA A 249 36.53 -9.80 -19.83
CA ALA A 249 36.08 -8.44 -19.50
C ALA A 249 36.87 -7.87 -18.33
N PRO A 250 37.30 -6.60 -18.45
CA PRO A 250 38.12 -5.96 -17.42
C PRO A 250 37.31 -5.61 -16.16
N ILE A 251 36.02 -5.34 -16.34
CA ILE A 251 35.19 -4.93 -15.23
C ILE A 251 35.10 -6.01 -14.14
N ILE A 252 35.26 -7.28 -14.53
CA ILE A 252 35.30 -8.37 -13.56
C ILE A 252 36.56 -8.24 -12.72
N ARG A 253 37.70 -8.11 -13.40
CA ARG A 253 38.97 -7.93 -12.70
C ARG A 253 38.90 -6.72 -11.78
N LEU A 254 38.38 -5.60 -12.29
CA LEU A 254 38.21 -4.38 -11.51
C LEU A 254 37.31 -4.58 -10.28
N LYS A 255 36.11 -5.09 -10.50
CA LYS A 255 35.18 -5.32 -9.40
C LYS A 255 35.71 -6.35 -8.41
N ALA A 256 36.57 -7.25 -8.88
CA ALA A 256 37.16 -8.24 -7.99
C ALA A 256 38.09 -7.56 -6.99
N LYS A 257 38.87 -6.59 -7.48
CA LYS A 257 39.77 -5.79 -6.66
C LYS A 257 39.01 -5.04 -5.57
N LYS A 258 37.90 -4.42 -5.98
CA LYS A 258 37.08 -3.62 -5.09
C LYS A 258 36.41 -4.50 -4.03
N VAL A 259 35.87 -5.65 -4.44
CA VAL A 259 35.33 -6.63 -3.50
C VAL A 259 36.42 -7.18 -2.58
N SER A 260 37.60 -7.44 -3.14
CA SER A 260 38.72 -7.93 -2.36
C SER A 260 39.09 -6.93 -1.26
N ASP A 261 39.12 -5.64 -1.61
CA ASP A 261 39.41 -4.60 -0.61
C ASP A 261 38.27 -4.50 0.40
N LEU A 262 37.06 -4.75 -0.08
CA LEU A 262 35.88 -4.75 0.77
C LEU A 262 35.96 -5.87 1.80
N ILE A 263 36.23 -7.08 1.34
CA ILE A 263 36.34 -8.24 2.24
C ILE A 263 37.42 -8.02 3.29
N ASP A 264 38.53 -7.44 2.87
CA ASP A 264 39.64 -7.16 3.77
C ASP A 264 39.19 -6.24 4.90
N SER A 265 38.43 -5.19 4.55
CA SER A 265 37.95 -4.22 5.52
C SER A 265 36.93 -4.84 6.47
N VAL A 266 36.20 -5.84 6.00
CA VAL A 266 35.25 -6.55 6.85
C VAL A 266 35.99 -7.62 7.65
N ILE A 267 36.87 -8.36 6.97
CA ILE A 267 37.67 -9.42 7.58
C ILE A 267 39.10 -8.94 7.79
N SER A 268 39.26 -7.85 8.54
CA SER A 268 40.58 -7.37 8.91
C SER A 268 41.25 -8.44 9.74
N ASN B 8 3.12 20.84 -15.46
CA ASN B 8 2.43 21.34 -14.27
C ASN B 8 2.89 22.76 -13.89
N ASN B 9 2.27 23.34 -12.87
CA ASN B 9 2.54 24.72 -12.49
C ASN B 9 3.83 24.91 -11.68
N PRO B 10 4.58 25.99 -11.99
CA PRO B 10 5.76 26.31 -11.17
C PRO B 10 5.30 26.72 -9.78
N ILE B 11 5.84 26.07 -8.75
CA ILE B 11 5.47 26.40 -7.39
C ILE B 11 6.56 25.96 -6.39
N SER B 12 6.90 26.83 -5.44
CA SER B 12 7.91 26.51 -4.45
C SER B 12 7.29 26.40 -3.07
N LYS B 13 7.99 25.74 -2.14
CA LYS B 13 7.47 25.61 -0.78
C LYS B 13 7.29 26.98 -0.17
N THR B 14 8.21 27.88 -0.47
CA THR B 14 8.15 29.22 0.08
C THR B 14 6.87 29.93 -0.39
N GLU B 15 6.52 29.75 -1.66
CA GLU B 15 5.35 30.42 -2.23
C GLU B 15 4.08 29.80 -1.67
N LEU B 16 4.03 28.47 -1.65
CA LEU B 16 2.92 27.77 -1.03
C LEU B 16 2.68 28.24 0.41
N ARG B 17 3.74 28.42 1.19
CA ARG B 17 3.54 28.76 2.59
C ARG B 17 2.89 30.13 2.67
N GLU B 18 3.33 31.04 1.81
CA GLU B 18 2.73 32.37 1.71
C GLU B 18 1.25 32.30 1.32
N LEU B 19 0.92 31.48 0.33
CA LEU B 19 -0.49 31.31 -0.07
C LEU B 19 -1.35 30.77 1.05
N VAL B 20 -0.88 29.70 1.68
CA VAL B 20 -1.58 29.09 2.80
C VAL B 20 -1.76 30.07 3.97
N LEU B 21 -0.80 30.96 4.18
CA LEU B 21 -0.92 31.95 5.27
C LEU B 21 -1.73 33.19 4.90
N SER B 22 -2.30 33.23 3.71
CA SER B 22 -3.04 34.42 3.25
C SER B 22 -4.49 34.11 2.90
N TRP B 23 -5.20 35.12 2.41
CA TRP B 23 -6.58 34.94 1.96
C TRP B 23 -6.67 34.13 0.68
N GLN B 24 -5.54 33.94 0.00
CA GLN B 24 -5.52 33.18 -1.24
C GLN B 24 -5.22 31.70 -0.98
N ILE B 25 -5.49 31.24 0.26
CA ILE B 25 -5.31 29.83 0.61
C ILE B 25 -6.02 28.92 -0.38
N LEU B 26 -7.10 29.43 -0.97
CA LEU B 26 -7.85 28.69 -1.98
C LEU B 26 -7.03 28.29 -3.20
N ASP B 27 -6.10 29.15 -3.59
CA ASP B 27 -5.24 28.83 -4.73
C ASP B 27 -4.27 27.71 -4.37
N ALA B 28 -3.85 27.65 -3.11
CA ALA B 28 -3.03 26.52 -2.64
C ALA B 28 -3.84 25.24 -2.71
N VAL B 29 -5.11 25.32 -2.33
CA VAL B 29 -5.97 24.14 -2.41
C VAL B 29 -6.07 23.64 -3.86
N SER B 30 -6.38 24.56 -4.78
CA SER B 30 -6.53 24.19 -6.20
C SER B 30 -5.26 23.57 -6.76
N LEU B 31 -4.13 24.22 -6.51
CA LEU B 31 -2.85 23.70 -6.98
C LEU B 31 -2.62 22.29 -6.48
N ALA B 32 -2.92 22.06 -5.20
CA ALA B 32 -2.63 20.77 -4.60
C ALA B 32 -3.56 19.68 -5.13
N LEU B 33 -4.76 20.05 -5.57
CA LEU B 33 -5.66 19.07 -6.17
C LEU B 33 -5.16 18.61 -7.55
N GLU B 34 -4.46 19.50 -8.25
CA GLU B 34 -3.97 19.23 -9.60
C GLU B 34 -2.52 18.76 -9.68
N ASP B 35 -1.80 18.83 -8.56
CA ASP B 35 -0.38 18.48 -8.56
C ASP B 35 0.05 17.79 -7.28
N LYS B 36 0.51 16.55 -7.41
CA LYS B 36 0.90 15.75 -6.27
C LYS B 36 2.04 16.39 -5.48
N ARG B 37 2.94 17.08 -6.18
CA ARG B 37 4.07 17.71 -5.52
C ARG B 37 3.62 18.85 -4.60
N ALA B 38 2.65 19.63 -5.07
CA ALA B 38 2.13 20.73 -4.26
C ALA B 38 1.49 20.19 -2.98
N LEU B 39 0.73 19.11 -3.10
CA LEU B 39 0.08 18.49 -1.94
C LEU B 39 1.11 18.00 -0.93
N PHE B 40 2.19 17.42 -1.42
CA PHE B 40 3.24 16.94 -0.52
C PHE B 40 3.93 18.09 0.18
N LEU B 41 4.10 19.22 -0.51
CA LEU B 41 4.66 20.40 0.13
C LEU B 41 3.79 20.93 1.28
N ILE B 42 2.47 20.87 1.12
CA ILE B 42 1.58 21.37 2.17
C ILE B 42 1.60 20.43 3.37
N LEU B 43 1.72 19.14 3.08
CA LEU B 43 1.92 18.14 4.15
C LEU B 43 3.21 18.43 4.93
N GLU B 44 4.24 18.91 4.23
CA GLU B 44 5.46 19.35 4.91
C GLU B 44 5.17 20.59 5.77
N LEU B 45 4.46 21.56 5.20
CA LEU B 45 4.05 22.74 5.97
C LEU B 45 3.23 22.33 7.20
N ALA B 46 2.50 21.23 7.10
CA ALA B 46 1.66 20.80 8.22
C ALA B 46 2.51 20.21 9.36
N GLY B 47 3.81 20.04 9.14
CA GLY B 47 4.70 19.57 10.18
C GLY B 47 5.67 20.63 10.67
N GLU B 48 5.58 21.83 10.12
CA GLU B 48 6.52 22.89 10.49
C GLU B 48 6.29 23.37 11.93
N ASP B 49 7.32 23.98 12.52
CA ASP B 49 7.28 24.25 13.96
C ASP B 49 6.28 25.34 14.32
N ASP B 50 6.10 26.30 13.42
CA ASP B 50 5.19 27.43 13.66
C ASP B 50 3.74 26.96 13.68
N GLU B 51 3.01 27.33 14.73
CA GLU B 51 1.65 26.81 14.92
C GLU B 51 0.61 27.40 13.96
N THR B 52 0.71 28.69 13.66
CA THR B 52 -0.17 29.31 12.67
C THR B 52 0.00 28.64 11.30
N THR B 53 1.24 28.38 10.91
CA THR B 53 1.57 27.63 9.69
C THR B 53 0.93 26.24 9.69
N ARG B 54 0.95 25.55 10.82
CA ARG B 54 0.36 24.22 10.92
C ARG B 54 -1.14 24.31 10.78
N LEU B 55 -1.74 25.26 11.51
CA LEU B 55 -3.18 25.45 11.47
C LEU B 55 -3.64 25.67 10.03
N ARG B 56 -3.02 26.65 9.37
CA ARG B 56 -3.44 27.01 8.03
C ARG B 56 -3.20 25.86 7.06
N ALA B 57 -2.09 25.15 7.25
CA ALA B 57 -1.82 23.97 6.43
C ALA B 57 -2.91 22.91 6.59
N PHE B 58 -3.36 22.69 7.81
CA PHE B 58 -4.43 21.70 8.01
C PHE B 58 -5.80 22.18 7.49
N VAL B 59 -6.03 23.48 7.52
CA VAL B 59 -7.21 24.05 6.85
C VAL B 59 -7.14 23.73 5.36
N ALA B 60 -6.00 23.99 4.73
CA ALA B 60 -5.86 23.66 3.32
C ALA B 60 -6.08 22.17 3.09
N LEU B 61 -5.46 21.31 3.91
CA LEU B 61 -5.59 19.88 3.73
C LEU B 61 -7.03 19.42 3.91
N GLY B 62 -7.75 20.05 4.83
CA GLY B 62 -9.15 19.72 5.03
C GLY B 62 -9.95 19.92 3.75
N GLU B 63 -9.74 21.07 3.11
CA GLU B 63 -10.48 21.39 1.91
C GLU B 63 -10.02 20.53 0.74
N ILE B 64 -8.71 20.25 0.66
CA ILE B 64 -8.16 19.40 -0.37
C ILE B 64 -8.72 17.98 -0.28
N LEU B 65 -8.68 17.41 0.92
CA LEU B 65 -9.06 16.01 1.06
C LEU B 65 -10.57 15.84 0.95
N LYS B 66 -11.32 16.90 1.27
CA LYS B 66 -12.76 16.91 1.09
C LYS B 66 -13.15 16.78 -0.39
N ARG B 67 -12.36 17.41 -1.27
CA ARG B 67 -12.59 17.35 -2.71
C ARG B 67 -11.87 16.18 -3.39
N ALA B 68 -10.81 15.70 -2.75
CA ALA B 68 -9.98 14.65 -3.34
C ALA B 68 -10.74 13.34 -3.50
N ASP B 69 -10.47 12.63 -4.59
CA ASP B 69 -11.05 11.31 -4.80
C ASP B 69 -10.35 10.27 -3.93
N SER B 70 -10.90 9.06 -3.94
CA SER B 70 -10.44 7.96 -3.08
C SER B 70 -8.98 7.56 -3.25
N ASP B 71 -8.50 7.59 -4.48
CA ASP B 71 -7.14 7.11 -4.76
C ASP B 71 -6.08 8.04 -4.16
N LEU B 72 -6.32 9.33 -4.27
CA LEU B 72 -5.41 10.31 -3.68
C LEU B 72 -5.36 10.08 -2.17
N ARG B 73 -6.52 9.79 -1.59
CA ARG B 73 -6.63 9.70 -0.14
C ARG B 73 -5.94 8.47 0.48
N VAL B 76 -2.17 9.36 0.48
CA VAL B 76 -1.88 10.25 1.60
C VAL B 76 -1.92 9.47 2.90
N LEU B 77 -2.95 8.66 3.06
CA LEU B 77 -3.13 7.91 4.29
C LEU B 77 -1.98 6.92 4.57
N GLU B 78 -1.60 6.12 3.58
CA GLU B 78 -0.59 5.08 3.84
C GLU B 78 0.83 5.63 3.89
N ARG B 79 0.99 6.88 3.50
CA ARG B 79 2.32 7.49 3.44
C ARG B 79 2.49 8.63 4.42
N HIS B 80 1.39 9.29 4.78
CA HIS B 80 1.49 10.54 5.55
C HIS B 80 0.62 10.62 6.81
N LEU B 81 0.05 9.50 7.25
CA LEU B 81 -0.82 9.51 8.44
C LEU B 81 -0.16 10.18 9.65
N ASP B 82 1.15 9.99 9.81
CA ASP B 82 1.87 10.50 10.97
C ASP B 82 1.78 12.01 11.11
N VAL B 83 1.75 12.72 9.98
CA VAL B 83 1.52 14.18 10.00
C VAL B 83 0.23 14.52 10.77
N PHE B 84 -0.83 13.75 10.53
CA PHE B 84 -2.12 13.99 11.18
C PHE B 84 -2.08 13.54 12.65
N ILE B 85 -1.54 12.34 12.89
CA ILE B 85 -1.38 11.83 14.25
C ILE B 85 -0.62 12.81 15.15
N ASN B 86 0.56 13.23 14.71
CA ASN B 86 1.32 14.25 15.43
C ASN B 86 0.49 15.45 15.83
N ALA B 87 -0.18 16.07 14.87
CA ALA B 87 -0.97 17.28 15.18
C ALA B 87 -2.16 16.99 16.08
N LEU B 88 -2.51 15.71 16.22
CA LEU B 88 -3.58 15.32 17.12
C LEU B 88 -3.04 15.03 18.52
N SER B 89 -1.73 14.78 18.63
CA SER B 89 -1.13 14.43 19.91
C SER B 89 -1.25 15.56 20.94
N GLN B 90 -1.64 16.74 20.46
CA GLN B 90 -2.11 17.81 21.33
C GLN B 90 -3.55 17.53 21.65
N GLU B 91 -3.90 17.51 22.93
CA GLU B 91 -5.26 17.18 23.33
C GLU B 91 -6.20 18.39 23.33
N ASN B 92 -5.62 19.59 23.43
CA ASN B 92 -6.40 20.83 23.35
C ASN B 92 -5.64 21.93 22.62
N GLU B 93 -5.93 22.09 21.34
CA GLU B 93 -5.28 23.12 20.52
C GLU B 93 -6.10 23.54 19.32
N LYS B 94 -5.85 24.77 18.89
CA LYS B 94 -6.51 25.33 17.72
C LYS B 94 -6.22 24.45 16.53
N VAL B 95 -5.01 23.89 16.49
CA VAL B 95 -4.56 23.05 15.40
C VAL B 95 -5.25 21.68 15.41
N THR B 96 -5.51 21.17 16.61
CA THR B 96 -6.03 19.82 16.72
C THR B 96 -7.36 19.69 16.00
N ILE B 97 -8.25 20.65 16.18
CA ILE B 97 -9.54 20.56 15.52
C ILE B 97 -9.43 20.58 13.98
N LYS B 98 -8.48 21.33 13.45
CA LYS B 98 -8.30 21.39 11.99
C LYS B 98 -7.71 20.06 11.47
N ALA B 99 -6.73 19.52 12.18
CA ALA B 99 -6.18 18.22 11.82
C ALA B 99 -7.25 17.15 11.91
N LEU B 100 -8.04 17.21 12.98
CA LEU B 100 -9.16 16.31 13.18
C LEU B 100 -10.13 16.29 11.98
N ARG B 101 -10.59 17.47 11.56
CA ARG B 101 -11.51 17.53 10.41
C ARG B 101 -10.83 17.06 9.12
N ALA B 102 -9.58 17.44 8.92
CA ALA B 102 -8.81 16.94 7.77
C ALA B 102 -8.72 15.42 7.78
N LEU B 103 -8.39 14.84 8.93
CA LEU B 103 -8.32 13.38 9.05
C LEU B 103 -9.68 12.74 8.74
N GLY B 104 -10.76 13.35 9.26
CA GLY B 104 -12.11 12.90 8.95
C GLY B 104 -12.33 12.71 7.46
N TYR B 105 -12.00 13.72 6.66
CA TYR B 105 -12.14 13.61 5.20
C TYR B 105 -11.18 12.60 4.61
N LEU B 106 -9.95 12.59 5.11
CA LEU B 106 -8.93 11.65 4.62
C LEU B 106 -9.40 10.19 4.68
N VAL B 107 -9.94 9.75 5.81
CA VAL B 107 -10.25 8.33 5.98
C VAL B 107 -11.62 7.91 5.46
N LYS B 108 -12.39 8.86 4.96
CA LYS B 108 -13.74 8.61 4.45
C LYS B 108 -13.76 7.44 3.45
N ASP B 109 -14.41 6.34 3.84
CA ASP B 109 -14.57 5.17 2.98
C ASP B 109 -13.25 4.53 2.55
N VAL B 110 -12.19 4.77 3.31
CA VAL B 110 -10.90 4.18 3.02
C VAL B 110 -10.50 3.18 4.12
N PRO B 111 -10.77 1.89 3.87
CA PRO B 111 -10.47 0.81 4.84
C PRO B 111 -8.98 0.67 5.07
N GLY B 113 -5.42 -1.03 7.03
CA GLY B 113 -4.81 -2.20 7.62
C GLY B 113 -4.88 -2.12 9.14
N SER B 114 -4.73 -3.25 9.82
CA SER B 114 -4.94 -3.30 11.26
C SER B 114 -4.01 -2.42 12.09
N LYS B 115 -2.72 -2.44 11.77
CA LYS B 115 -1.78 -1.64 12.56
C LYS B 115 -1.98 -0.13 12.37
N THR B 116 -2.31 0.28 11.15
CA THR B 116 -2.62 1.68 10.86
C THR B 116 -3.93 2.08 11.54
N PHE B 117 -4.96 1.24 11.37
CA PHE B 117 -6.24 1.42 12.05
C PHE B 117 -6.08 1.72 13.55
N LEU B 118 -5.30 0.88 14.23
CA LEU B 118 -5.16 0.96 15.68
C LEU B 118 -4.40 2.21 16.12
N LYS B 119 -3.39 2.58 15.33
CA LYS B 119 -2.65 3.80 15.57
C LYS B 119 -3.61 4.98 15.56
N ALA B 120 -4.40 5.07 14.49
CA ALA B 120 -5.36 6.17 14.36
C ALA B 120 -6.41 6.17 15.47
N ALA B 121 -7.07 5.03 15.65
CA ALA B 121 -8.10 4.88 16.68
C ALA B 121 -7.61 5.25 18.08
N LYS B 122 -6.42 4.78 18.45
CA LYS B 122 -5.91 5.06 19.80
C LYS B 122 -5.66 6.54 20.00
N THR B 123 -5.15 7.19 18.96
CA THR B 123 -4.89 8.62 19.01
C THR B 123 -6.19 9.40 19.19
N LEU B 124 -7.20 9.01 18.42
CA LEU B 124 -8.50 9.66 18.49
C LEU B 124 -9.15 9.44 19.87
N VAL B 125 -9.16 8.20 20.34
CA VAL B 125 -9.74 7.89 21.63
C VAL B 125 -9.09 8.74 22.74
N SER B 126 -7.78 8.85 22.71
CA SER B 126 -7.02 9.71 23.60
C SER B 126 -7.58 11.13 23.69
N LEU B 127 -8.09 11.63 22.57
CA LEU B 127 -8.71 12.96 22.52
C LEU B 127 -9.97 13.05 23.37
N LEU B 128 -10.65 11.93 23.57
CA LEU B 128 -11.88 11.93 24.37
C LEU B 128 -11.65 12.42 25.79
N GLU B 129 -10.39 12.41 26.22
CA GLU B 129 -10.01 12.96 27.52
C GLU B 129 -10.19 14.48 27.60
N SER B 130 -10.31 15.14 26.46
CA SER B 130 -10.62 16.57 26.45
C SER B 130 -11.97 16.82 27.09
N PRO B 131 -12.06 17.89 27.89
CA PRO B 131 -13.36 18.15 28.49
C PRO B 131 -14.20 19.04 27.60
N ASP B 132 -13.68 19.42 26.43
CA ASP B 132 -14.42 20.27 25.50
C ASP B 132 -15.43 19.47 24.68
N ASP B 133 -16.72 19.81 24.83
CA ASP B 133 -17.81 19.09 24.15
C ASP B 133 -17.60 18.96 22.65
N ARG B 136 -14.91 16.60 21.64
CA ARG B 136 -15.33 15.22 21.81
C ARG B 136 -16.24 14.79 20.66
N ILE B 137 -17.20 15.66 20.32
CA ILE B 137 -18.09 15.45 19.18
C ILE B 137 -17.33 15.23 17.88
N GLU B 138 -16.39 16.12 17.59
CA GLU B 138 -15.61 16.06 16.35
C GLU B 138 -14.79 14.78 16.31
N THR B 139 -14.26 14.40 17.48
CA THR B 139 -13.47 13.19 17.61
C THR B 139 -14.33 11.97 17.33
N ILE B 140 -15.54 11.93 17.90
CA ILE B 140 -16.45 10.81 17.62
C ILE B 140 -16.81 10.79 16.14
N ASP B 141 -16.89 11.97 15.52
CA ASP B 141 -17.24 12.05 14.11
C ASP B 141 -16.19 11.36 13.24
N VAL B 142 -14.92 11.60 13.55
CA VAL B 142 -13.83 10.96 12.83
C VAL B 142 -13.82 9.46 13.11
N LEU B 143 -14.02 9.09 14.39
CA LEU B 143 -14.06 7.69 14.77
C LEU B 143 -15.17 6.96 14.02
N SER B 144 -16.28 7.66 13.78
CA SER B 144 -17.42 7.03 13.13
C SER B 144 -17.13 6.72 11.66
N LYS B 145 -16.05 7.32 11.14
CA LYS B 145 -15.66 7.11 9.73
C LYS B 145 -14.43 6.22 9.60
N LEU B 146 -13.92 5.72 10.73
CA LEU B 146 -12.68 4.95 10.71
C LEU B 146 -12.98 3.46 10.46
N GLN B 147 -12.62 2.96 9.29
CA GLN B 147 -13.00 1.60 8.90
C GLN B 147 -11.79 0.70 8.81
N PRO B 148 -11.84 -0.45 9.49
CA PRO B 148 -10.75 -1.42 9.36
C PRO B 148 -10.96 -2.29 8.13
N LEU B 149 -9.85 -2.68 7.51
CA LEU B 149 -9.85 -3.56 6.36
C LEU B 149 -10.33 -4.95 6.77
N GLU B 150 -9.84 -5.41 7.92
CA GLU B 150 -10.06 -6.77 8.39
C GLU B 150 -10.61 -6.81 9.83
N ASP B 151 -11.52 -7.74 10.11
CA ASP B 151 -11.96 -7.98 11.47
C ASP B 151 -10.99 -8.93 12.13
N SER B 152 -9.72 -8.56 12.06
CA SER B 152 -8.63 -9.32 12.65
C SER B 152 -8.75 -9.36 14.15
N LYS B 153 -7.93 -10.17 14.80
CA LYS B 153 -8.02 -10.28 16.26
C LYS B 153 -7.60 -9.00 16.94
N LEU B 154 -6.61 -8.30 16.38
CA LEU B 154 -6.14 -7.07 17.02
C LEU B 154 -7.19 -5.94 16.94
N VAL B 155 -7.86 -5.82 15.79
CA VAL B 155 -8.98 -4.89 15.68
C VAL B 155 -10.04 -5.23 16.73
N ARG B 156 -10.50 -6.48 16.71
CA ARG B 156 -11.49 -6.99 17.67
C ARG B 156 -11.14 -6.76 19.13
N THR B 157 -9.91 -7.11 19.47
CA THR B 157 -9.46 -6.98 20.84
C THR B 157 -9.50 -5.52 21.31
N TYR B 158 -9.01 -4.61 20.49
CA TYR B 158 -9.06 -3.20 20.86
C TYR B 158 -10.51 -2.72 21.00
N ILE B 159 -11.35 -3.06 20.02
CA ILE B 159 -12.74 -2.63 20.05
C ILE B 159 -13.42 -3.11 21.33
N ASN B 160 -13.07 -4.31 21.77
CA ASN B 160 -13.60 -4.84 23.03
C ASN B 160 -13.21 -4.00 24.23
N GLU B 161 -11.94 -3.59 24.30
CA GLU B 161 -11.47 -2.72 25.37
C GLU B 161 -12.29 -1.43 25.48
N LEU B 162 -12.63 -0.84 24.34
CA LEU B 162 -13.42 0.39 24.32
C LEU B 162 -14.85 0.14 24.81
N VAL B 163 -15.47 -0.88 24.23
CA VAL B 163 -16.86 -1.23 24.52
C VAL B 163 -17.07 -1.57 26.01
N VAL B 164 -16.07 -2.16 26.65
CA VAL B 164 -16.21 -2.52 28.06
C VAL B 164 -15.98 -1.34 28.99
N SER B 165 -15.54 -0.22 28.43
CA SER B 165 -15.20 0.96 29.22
C SER B 165 -16.40 1.56 29.96
N PRO B 166 -16.17 2.03 31.19
CA PRO B 166 -17.20 2.68 32.02
C PRO B 166 -17.46 4.13 31.57
N ASP B 167 -16.58 4.67 30.75
CA ASP B 167 -16.80 6.01 30.19
C ASP B 167 -17.71 5.96 28.96
N LEU B 168 -18.72 6.85 28.90
CA LEU B 168 -19.76 6.75 27.88
C LEU B 168 -19.25 6.94 26.45
N TYR B 169 -18.45 7.99 26.24
CA TYR B 169 -18.02 8.34 24.90
C TYR B 169 -17.01 7.34 24.37
N THR B 170 -16.24 6.74 25.26
CA THR B 170 -15.28 5.71 24.85
C THR B 170 -16.04 4.47 24.40
N LYS B 171 -17.03 4.10 25.20
CA LYS B 171 -17.97 3.05 24.85
C LYS B 171 -18.58 3.32 23.47
N VAL B 172 -19.11 4.53 23.29
CA VAL B 172 -19.69 4.91 21.99
C VAL B 172 -18.66 4.82 20.86
N ALA B 173 -17.44 5.29 21.10
CA ALA B 173 -16.36 5.09 20.13
C ALA B 173 -16.20 3.62 19.79
N GLY B 174 -16.24 2.77 20.82
CA GLY B 174 -16.17 1.33 20.63
C GLY B 174 -17.25 0.84 19.70
N PHE B 175 -18.49 1.26 19.96
CA PHE B 175 -19.61 0.78 19.16
C PHE B 175 -19.54 1.27 17.71
N CYS B 176 -19.11 2.52 17.50
CA CYS B 176 -18.91 3.01 16.14
C CYS B 176 -17.89 2.16 15.37
N LEU B 177 -16.75 1.90 16.01
CA LEU B 177 -15.72 1.08 15.39
C LEU B 177 -16.22 -0.35 15.12
N PHE B 178 -16.94 -0.91 16.09
CA PHE B 178 -17.54 -2.23 15.92
C PHE B 178 -18.46 -2.26 14.70
N LEU B 179 -19.35 -1.27 14.59
CA LEU B 179 -20.27 -1.21 13.44
C LEU B 179 -19.50 -1.07 12.11
N ASN B 180 -18.43 -0.28 12.10
CA ASN B 180 -17.65 -0.15 10.86
C ASN B 180 -16.96 -1.47 10.53
N LEU B 182 -18.14 -4.51 11.28
CA LEU B 182 -19.17 -5.38 10.72
C LEU B 182 -19.53 -5.06 9.26
N ASN B 183 -19.63 -3.77 8.94
CA ASN B 183 -19.98 -3.28 7.59
C ASN B 183 -18.87 -3.45 6.55
N SER B 184 -17.67 -3.78 7.02
CA SER B 184 -16.58 -3.96 6.09
C SER B 184 -16.10 -5.41 6.06
N SER B 185 -15.56 -5.84 7.19
CA SER B 185 -14.59 -6.92 7.19
C SER B 185 -15.04 -8.27 7.74
N ALA B 186 -16.19 -8.31 8.39
CA ALA B 186 -16.55 -9.45 9.24
C ALA B 186 -17.18 -10.67 8.57
N ASP B 187 -16.90 -11.84 9.16
CA ASP B 187 -17.53 -13.10 8.78
C ASP B 187 -18.29 -13.66 10.00
N SER B 188 -18.52 -12.79 10.98
CA SER B 188 -19.32 -13.11 12.16
C SER B 188 -19.86 -11.80 12.73
N GLY B 189 -20.99 -11.89 13.43
CA GLY B 189 -21.57 -10.72 14.08
C GLY B 189 -20.90 -10.40 15.40
N HIS B 190 -20.07 -11.35 15.86
CA HIS B 190 -19.28 -11.17 17.06
C HIS B 190 -20.09 -10.70 18.26
N LEU B 191 -21.31 -11.22 18.42
CA LEU B 191 -22.23 -10.72 19.44
C LEU B 191 -21.67 -10.67 20.86
N THR B 192 -20.77 -11.58 21.19
CA THR B 192 -20.28 -11.65 22.56
C THR B 192 -19.40 -10.45 22.90
N LEU B 193 -18.94 -9.74 21.88
CA LEU B 193 -18.20 -8.49 22.09
C LEU B 193 -19.07 -7.34 22.61
N ILE B 194 -20.39 -7.40 22.40
CA ILE B 194 -21.22 -6.22 22.61
C ILE B 194 -22.50 -6.44 23.42
N LEU B 195 -22.93 -7.70 23.52
CA LEU B 195 -24.26 -7.99 24.05
C LEU B 195 -24.41 -7.56 25.51
N ASP B 196 -23.33 -7.68 26.27
CA ASP B 196 -23.34 -7.31 27.69
C ASP B 196 -23.31 -5.79 27.92
N GLU B 197 -22.72 -5.06 26.97
CA GLU B 197 -22.53 -3.62 27.13
C GLU B 197 -23.60 -2.81 26.42
N ILE B 198 -24.27 -3.42 25.45
CA ILE B 198 -25.25 -2.65 24.67
C ILE B 198 -26.49 -2.08 25.43
N PRO B 199 -26.92 -2.72 26.56
CA PRO B 199 -28.06 -2.11 27.28
C PRO B 199 -27.91 -0.64 27.63
N SER B 200 -26.74 -0.19 28.08
CA SER B 200 -26.56 1.21 28.47
C SER B 200 -26.68 2.16 27.28
N LEU B 201 -26.38 1.68 26.08
CA LEU B 201 -26.59 2.51 24.90
C LEU B 201 -28.08 2.57 24.53
N LEU B 202 -28.73 1.41 24.52
CA LEU B 202 -30.17 1.31 24.25
C LEU B 202 -31.00 2.17 25.22
N GLN B 203 -30.55 2.25 26.46
CA GLN B 203 -31.30 2.94 27.51
C GLN B 203 -30.87 4.40 27.72
N ASN B 204 -30.06 4.90 26.79
CA ASN B 204 -29.48 6.24 26.90
C ASN B 204 -30.50 7.33 26.56
N ASP B 205 -30.36 8.51 27.16
CA ASP B 205 -31.24 9.64 26.87
C ASP B 205 -31.02 10.19 25.46
N ASN B 206 -29.82 10.00 24.95
CA ASN B 206 -29.44 10.53 23.63
C ASN B 206 -29.90 9.65 22.47
N GLU B 207 -30.72 10.23 21.59
CA GLU B 207 -31.36 9.47 20.52
C GLU B 207 -30.37 8.91 19.51
N PHE B 208 -29.27 9.61 19.31
CA PHE B 208 -28.27 9.19 18.36
C PHE B 208 -27.47 8.01 18.88
N ILE B 209 -27.30 7.95 20.20
CA ILE B 209 -26.67 6.81 20.85
C ILE B 209 -27.60 5.61 20.83
N VAL B 210 -28.88 5.86 21.07
CA VAL B 210 -29.89 4.80 21.00
C VAL B 210 -29.97 4.22 19.59
N GLU B 211 -30.05 5.09 18.59
CA GLU B 211 -30.08 4.64 17.20
C GLU B 211 -28.84 3.85 16.84
N LEU B 212 -27.67 4.33 17.26
CA LEU B 212 -26.42 3.60 17.01
C LEU B 212 -26.51 2.17 17.57
N ALA B 213 -27.03 2.03 18.78
CA ALA B 213 -27.14 0.70 19.37
C ALA B 213 -28.04 -0.20 18.54
N LEU B 214 -29.14 0.37 18.05
CA LEU B 214 -30.06 -0.37 17.20
C LEU B 214 -29.40 -0.76 15.87
N ASP B 215 -28.64 0.16 15.28
CA ASP B 215 -27.97 -0.15 14.02
C ASP B 215 -26.95 -1.28 14.24
N VAL B 216 -26.25 -1.23 15.36
CA VAL B 216 -25.26 -2.27 15.69
C VAL B 216 -25.94 -3.65 15.84
N LEU B 217 -27.07 -3.66 16.55
CA LEU B 217 -27.84 -4.89 16.71
C LEU B 217 -28.33 -5.43 15.36
N GLU B 218 -28.91 -4.54 14.55
CA GLU B 218 -29.45 -4.96 13.27
C GLU B 218 -28.40 -5.65 12.39
N LYS B 219 -27.22 -5.05 12.33
CA LYS B 219 -26.12 -5.58 11.51
C LYS B 219 -25.47 -6.83 12.12
N ALA B 220 -25.30 -6.88 13.44
CA ALA B 220 -24.70 -8.05 14.10
C ALA B 220 -25.57 -9.28 13.95
N LEU B 221 -26.86 -9.08 14.08
CA LEU B 221 -27.83 -10.17 14.00
C LEU B 221 -28.01 -10.69 12.56
N SER B 222 -27.41 -10.02 11.58
CA SER B 222 -27.57 -10.43 10.19
C SER B 222 -26.62 -11.57 9.83
N PHE B 223 -25.64 -11.82 10.68
CA PHE B 223 -24.73 -12.98 10.54
C PHE B 223 -25.23 -14.25 11.21
N PRO B 224 -24.83 -15.42 10.65
CA PRO B 224 -25.06 -16.70 11.31
C PRO B 224 -24.59 -16.71 12.76
N LEU B 225 -25.46 -17.16 13.66
CA LEU B 225 -25.11 -17.29 15.07
C LEU B 225 -24.31 -18.54 15.28
N LEU B 226 -23.17 -18.44 15.97
CA LEU B 226 -22.41 -19.63 16.35
C LEU B 226 -22.55 -19.89 17.84
N GLU B 227 -22.11 -18.92 18.65
CA GLU B 227 -22.20 -19.03 20.10
C GLU B 227 -23.66 -19.15 20.52
N ASN B 228 -23.90 -19.74 21.69
CA ASN B 228 -25.24 -19.68 22.24
C ASN B 228 -25.40 -18.43 23.06
N VAL B 229 -26.25 -17.54 22.55
CA VAL B 229 -26.50 -16.27 23.20
C VAL B 229 -28.00 -16.09 23.36
N LYS B 230 -28.75 -17.18 23.37
CA LYS B 230 -30.21 -17.09 23.40
C LYS B 230 -30.69 -16.25 24.57
N ILE B 231 -30.24 -16.61 25.77
CA ILE B 231 -30.70 -15.95 26.98
C ILE B 231 -30.40 -14.46 26.94
N GLU B 232 -29.19 -14.11 26.51
CA GLU B 232 -28.77 -12.71 26.46
C GLU B 232 -29.59 -11.95 25.43
N LEU B 233 -29.93 -12.62 24.34
CA LEU B 233 -30.73 -11.99 23.28
C LEU B 233 -32.15 -11.78 23.80
N LEU B 234 -32.67 -12.76 24.53
CA LEU B 234 -33.97 -12.61 25.17
C LEU B 234 -33.97 -11.36 26.03
N LYS B 235 -32.94 -11.19 26.84
CA LYS B 235 -32.84 -10.04 27.72
C LYS B 235 -32.71 -8.74 26.93
N ILE B 236 -31.98 -8.77 25.81
CA ILE B 236 -31.89 -7.58 24.98
C ILE B 236 -33.23 -7.24 24.29
N SER B 237 -33.97 -8.26 23.88
CA SER B 237 -35.26 -7.98 23.24
C SER B 237 -36.28 -7.31 24.17
N ARG B 238 -36.17 -7.54 25.48
CA ARG B 238 -37.09 -6.88 26.44
C ARG B 238 -36.81 -5.38 26.43
N ILE B 239 -35.52 -5.07 26.37
CA ILE B 239 -35.09 -3.67 26.32
C ILE B 239 -35.56 -3.06 24.99
N VAL B 240 -35.30 -3.77 23.90
CA VAL B 240 -35.66 -3.26 22.58
C VAL B 240 -37.19 -3.02 22.49
N ASP B 241 -37.97 -3.93 23.04
CA ASP B 241 -39.41 -3.78 23.07
C ASP B 241 -39.83 -2.52 23.83
N GLY B 242 -39.02 -2.09 24.79
CA GLY B 242 -39.29 -0.92 25.60
C GLY B 242 -39.03 0.36 24.82
N LEU B 243 -38.56 0.23 23.58
CA LEU B 243 -38.24 1.37 22.71
C LEU B 243 -39.23 1.50 21.54
N VAL B 244 -40.00 0.45 21.31
CA VAL B 244 -40.99 0.46 20.24
C VAL B 244 -41.98 1.62 20.42
N TYR B 245 -42.24 2.01 21.66
CA TYR B 245 -43.20 3.08 21.96
C TYR B 245 -42.54 4.27 22.65
N ARG B 246 -41.26 4.48 22.35
CA ARG B 246 -40.53 5.60 22.89
C ARG B 246 -40.96 6.87 22.17
N GLU B 247 -41.28 7.91 22.93
CA GLU B 247 -41.69 9.19 22.32
C GLU B 247 -40.43 9.90 21.87
N GLY B 248 -40.51 10.58 20.73
CA GLY B 248 -39.33 11.20 20.17
C GLY B 248 -39.19 10.78 18.72
N ALA B 249 -37.95 10.69 18.25
CA ALA B 249 -37.65 10.37 16.85
C ALA B 249 -38.36 9.11 16.38
N PRO B 250 -39.08 9.22 15.26
CA PRO B 250 -39.79 8.08 14.66
C PRO B 250 -38.85 6.93 14.29
N ILE B 251 -37.62 7.23 13.90
CA ILE B 251 -36.72 6.19 13.43
C ILE B 251 -36.43 5.17 14.55
N ILE B 252 -36.30 5.65 15.78
CA ILE B 252 -36.04 4.76 16.92
C ILE B 252 -37.17 3.74 17.12
N ARG B 253 -38.43 4.20 17.10
CA ARG B 253 -39.54 3.26 17.16
C ARG B 253 -39.52 2.28 16.00
N LEU B 254 -39.15 2.76 14.82
CA LEU B 254 -39.19 1.90 13.65
C LEU B 254 -38.12 0.83 13.72
N LYS B 255 -36.90 1.24 14.02
CA LYS B 255 -35.78 0.30 14.08
C LYS B 255 -35.93 -0.65 15.27
N ALA B 256 -36.53 -0.17 16.37
CA ALA B 256 -36.73 -1.05 17.53
C ALA B 256 -37.67 -2.19 17.16
N LYS B 257 -38.78 -1.88 16.46
CA LYS B 257 -39.70 -2.94 16.06
C LYS B 257 -39.00 -3.91 15.15
N LYS B 258 -38.23 -3.36 14.22
CA LYS B 258 -37.50 -4.19 13.28
C LYS B 258 -36.47 -5.09 14.00
N VAL B 259 -35.70 -4.50 14.92
CA VAL B 259 -34.72 -5.28 15.68
C VAL B 259 -35.41 -6.33 16.54
N SER B 260 -36.56 -5.98 17.12
CA SER B 260 -37.34 -6.92 17.92
C SER B 260 -37.80 -8.11 17.08
N ASP B 261 -38.34 -7.86 15.89
CA ASP B 261 -38.69 -8.96 14.97
C ASP B 261 -37.47 -9.81 14.61
N LEU B 262 -36.34 -9.15 14.36
CA LEU B 262 -35.11 -9.84 14.00
C LEU B 262 -34.65 -10.79 15.12
N ILE B 263 -34.66 -10.32 16.35
CA ILE B 263 -34.32 -11.18 17.48
C ILE B 263 -35.22 -12.40 17.54
N ASP B 264 -36.54 -12.18 17.42
CA ASP B 264 -37.53 -13.28 17.41
C ASP B 264 -37.19 -14.36 16.40
N SER B 265 -36.89 -13.91 15.18
CA SER B 265 -36.50 -14.79 14.10
C SER B 265 -35.26 -15.59 14.45
N VAL B 266 -34.23 -14.90 14.94
CA VAL B 266 -32.95 -15.52 15.25
C VAL B 266 -33.07 -16.60 16.34
N ILE B 267 -33.87 -16.33 17.36
CA ILE B 267 -34.05 -17.25 18.48
C ILE B 267 -34.85 -18.50 18.11
N SER B 268 -36.01 -18.31 17.51
CA SER B 268 -36.89 -19.41 17.14
C SER B 268 -36.33 -20.16 15.92
#